data_5ZE8
#
_entry.id   5ZE8
#
_cell.length_a   144.700
_cell.length_b   39.100
_cell.length_c   68.650
_cell.angle_alpha   90.000
_cell.angle_beta   109.310
_cell.angle_gamma   90.000
#
_symmetry.space_group_name_H-M   'C 1 2 1'
#
loop_
_entity.id
_entity.type
_entity.pdbx_description
1 polymer 'cytochrome c552'
2 non-polymer 'HEME C'
3 non-polymer 'SULFATE ION'
4 non-polymer GLYCEROL
5 water water
#
_entity_poly.entity_id   1
_entity_poly.type   'polypeptide(L)'
_entity_poly.pdbx_seq_one_letter_code
;MTRLRSLYACMTNGWPVLLALILQAPAAQAEPGAEPIHRVSSELCANCHEDIYRQWKGSMHAKSTALSDPIHGLFYQQEV
GDPTAEGMVHKKSGKFPLCLYCHAPNAARDQTTKLDAHPAYTEGVNCVACHTLKTYNGIQDAEGKLRYGIKAYDLSDRLQ
APIGFPRELERLKARSDDLFGGAVDAVPDQKPNPHLGEPVELDGKTIPALTMEANPRQLRTSDACMGCHDQRDNPQGVPL
CQTGKEFIAGGSQVACQTCHMPVAGGFADHSMGGGHHEAMLKRSIVFDLTTKADKEKIAAQVWIRNLQPHAMPTGAPFRN
LYLKLTAYDASGEVLWQNAADHPSKDDPRAYFAYGLADDQGNPAPPPTATKPGDDTRLQPHETRELNYEIPAKGVALVRG
ELYYNLLWPSLVEKFTQLPAELTAPVLIAVSEKPI
;
_entity_poly.pdbx_strand_id   A
#
# COMPACT_ATOMS: atom_id res chain seq x y z
N GLU A 35 1.37 27.96 -12.49
CA GLU A 35 2.80 28.34 -12.74
C GLU A 35 3.85 27.53 -11.96
N PRO A 36 3.61 27.23 -10.61
CA PRO A 36 4.64 26.43 -9.96
C PRO A 36 4.44 25.03 -10.41
N ILE A 37 5.56 24.34 -10.45
CA ILE A 37 5.61 22.97 -10.94
C ILE A 37 4.65 22.03 -10.23
N HIS A 38 4.45 22.21 -8.94
CA HIS A 38 3.56 21.28 -8.19
C HIS A 38 2.12 21.43 -8.52
N ARG A 39 1.76 22.48 -9.29
CA ARG A 39 0.36 22.60 -9.72
C ARG A 39 0.18 22.26 -11.22
N VAL A 40 1.22 21.73 -11.85
CA VAL A 40 1.16 21.21 -13.23
C VAL A 40 0.44 19.86 -13.27
N SER A 41 -0.62 19.76 -14.10
CA SER A 41 -1.42 18.55 -14.19
C SER A 41 -0.64 17.44 -14.84
N SER A 42 -0.96 16.23 -14.39
CA SER A 42 -0.37 14.99 -14.96
C SER A 42 -0.74 14.85 -16.47
N GLU A 43 -1.87 15.47 -16.86
CA GLU A 43 -2.28 15.47 -18.25
C GLU A 43 -1.22 16.15 -19.14
N LEU A 44 -0.50 17.13 -18.66
CA LEU A 44 0.56 17.76 -19.43
C LEU A 44 1.68 16.77 -19.69
N CYS A 45 2.10 16.04 -18.69
CA CYS A 45 3.12 15.03 -18.78
C CYS A 45 2.76 13.95 -19.75
N ALA A 46 1.47 13.58 -19.84
CA ALA A 46 0.96 12.53 -20.65
C ALA A 46 1.18 12.82 -22.11
N ASN A 47 1.38 14.08 -22.45
CA ASN A 47 1.72 14.36 -23.88
C ASN A 47 2.92 13.64 -24.40
N CYS A 48 3.97 13.42 -23.55
CA CYS A 48 5.20 12.76 -23.92
C CYS A 48 5.53 11.48 -23.13
N HIS A 49 4.75 11.12 -22.10
CA HIS A 49 5.05 9.96 -21.26
C HIS A 49 3.69 9.20 -21.14
N GLU A 50 3.03 8.92 -22.27
CA GLU A 50 1.76 8.27 -22.25
C GLU A 50 1.76 6.88 -21.57
N ASP A 51 2.78 6.07 -21.79
CA ASP A 51 2.87 4.79 -21.25
C ASP A 51 2.92 4.82 -19.70
N ILE A 52 3.72 5.73 -19.17
CA ILE A 52 3.77 5.90 -17.68
C ILE A 52 2.46 6.49 -17.19
N TYR A 53 1.91 7.49 -17.94
CA TYR A 53 0.62 8.02 -17.59
C TYR A 53 -0.48 6.96 -17.47
N ARG A 54 -0.51 6.07 -18.46
CA ARG A 54 -1.53 5.02 -18.41
C ARG A 54 -1.42 4.15 -17.13
N GLN A 55 -0.18 3.79 -16.78
CA GLN A 55 0.05 2.99 -15.59
C GLN A 55 -0.31 3.75 -14.33
N TRP A 56 0.16 4.98 -14.24
CA TRP A 56 -0.07 5.83 -13.10
C TRP A 56 -1.58 6.06 -12.90
N LYS A 57 -2.32 6.30 -13.98
CA LYS A 57 -3.71 6.72 -13.85
C LYS A 57 -4.57 5.69 -13.24
N GLY A 58 -4.26 4.43 -13.47
CA GLY A 58 -4.93 3.33 -12.84
C GLY A 58 -4.53 2.94 -11.44
N SER A 59 -3.49 3.60 -10.93
CA SER A 59 -2.94 3.22 -9.64
C SER A 59 -3.63 3.89 -8.45
N MET A 60 -3.46 3.31 -7.28
CA MET A 60 -4.00 3.99 -6.09
C MET A 60 -3.34 5.29 -5.77
N HIS A 61 -2.12 5.54 -6.27
CA HIS A 61 -1.53 6.89 -6.14
C HIS A 61 -2.40 7.95 -6.83
N ALA A 62 -2.84 7.66 -8.07
CA ALA A 62 -3.76 8.59 -8.75
C ALA A 62 -5.13 8.62 -8.14
N LYS A 63 -5.52 7.63 -7.38
CA LYS A 63 -6.83 7.56 -6.71
C LYS A 63 -6.76 7.75 -5.22
N SER A 64 -5.78 8.50 -4.72
CA SER A 64 -5.48 8.50 -3.26
C SER A 64 -6.31 9.44 -2.44
N THR A 65 -7.06 10.34 -3.09
CA THR A 65 -7.77 11.33 -2.31
C THR A 65 -9.10 10.76 -1.86
N ALA A 66 -9.69 11.47 -0.88
CA ALA A 66 -11.02 11.15 -0.45
C ALA A 66 -12.10 11.25 -1.48
N LEU A 67 -11.84 11.93 -2.59
CA LEU A 67 -12.75 11.98 -3.76
C LEU A 67 -12.71 10.73 -4.56
N SER A 68 -11.56 10.06 -4.60
CA SER A 68 -11.37 8.95 -5.57
C SER A 68 -11.26 7.56 -4.98
N ASP A 69 -11.00 7.44 -3.71
CA ASP A 69 -10.91 6.12 -3.09
C ASP A 69 -12.06 6.10 -2.05
N PRO A 70 -13.10 5.31 -2.29
CA PRO A 70 -14.21 5.34 -1.35
C PRO A 70 -13.90 4.78 0.04
N ILE A 71 -12.88 3.92 0.19
CA ILE A 71 -12.47 3.45 1.51
C ILE A 71 -11.82 4.57 2.28
N HIS A 72 -10.76 5.15 1.71
CA HIS A 72 -10.16 6.30 2.35
C HIS A 72 -11.20 7.41 2.53
N GLY A 73 -12.08 7.59 1.59
CA GLY A 73 -13.07 8.69 1.72
C GLY A 73 -14.00 8.55 2.86
N LEU A 74 -14.39 7.32 3.17
CA LEU A 74 -15.34 7.04 4.27
C LEU A 74 -14.59 7.46 5.58
N PHE A 75 -13.35 7.01 5.75
CA PHE A 75 -12.58 7.32 6.96
C PHE A 75 -12.29 8.84 7.02
N TYR A 76 -11.93 9.46 5.89
CA TYR A 76 -11.67 10.90 5.83
C TYR A 76 -12.91 11.72 6.25
N GLN A 77 -14.05 11.30 5.78
CA GLN A 77 -15.31 12.00 6.16
C GLN A 77 -15.55 11.87 7.64
N GLN A 78 -15.33 10.68 8.16
CA GLN A 78 -15.58 10.39 9.58
C GLN A 78 -14.57 11.08 10.48
N GLU A 79 -13.30 11.19 10.05
CA GLU A 79 -12.27 11.70 10.88
C GLU A 79 -11.88 13.19 10.73
N VAL A 80 -12.24 13.73 9.58
CA VAL A 80 -11.88 15.08 9.19
C VAL A 80 -13.13 15.82 8.76
N GLY A 81 -13.76 15.39 7.69
CA GLY A 81 -14.94 16.08 7.16
C GLY A 81 -15.00 16.09 5.68
N ASP A 82 -15.73 17.04 5.11
CA ASP A 82 -16.00 17.05 3.67
C ASP A 82 -14.72 17.33 2.86
N PRO A 83 -14.36 16.46 1.90
CA PRO A 83 -13.19 16.77 1.07
C PRO A 83 -13.40 17.86 0.04
N THR A 84 -14.63 18.39 -0.05
CA THR A 84 -14.94 19.51 -0.95
C THR A 84 -15.05 20.83 -0.17
N ALA A 85 -14.62 20.85 1.07
CA ALA A 85 -14.68 22.05 1.92
C ALA A 85 -13.27 22.61 2.21
N GLU A 86 -13.12 23.96 2.15
CA GLU A 86 -11.93 24.62 2.69
C GLU A 86 -11.98 24.70 4.20
N GLY A 87 -10.78 24.74 4.82
CA GLY A 87 -10.65 24.97 6.27
C GLY A 87 -10.99 23.84 7.15
N MET A 88 -11.03 22.63 6.58
CA MET A 88 -11.26 21.48 7.40
C MET A 88 -10.04 21.18 8.31
N VAL A 89 -10.35 20.58 9.46
CA VAL A 89 -9.36 20.14 10.44
C VAL A 89 -9.73 18.75 10.90
N HIS A 90 -8.78 18.07 11.48
CA HIS A 90 -9.05 16.82 12.11
C HIS A 90 -10.05 16.94 13.29
N LYS A 91 -11.06 16.09 13.33
CA LYS A 91 -12.17 16.26 14.30
C LYS A 91 -11.75 16.06 15.73
N LYS A 92 -10.57 15.48 15.98
CA LYS A 92 -9.98 15.30 17.35
C LYS A 92 -8.90 16.23 17.61
N SER A 93 -7.93 16.38 16.72
CA SER A 93 -6.77 17.20 16.98
C SER A 93 -6.98 18.68 16.61
N GLY A 94 -7.99 19.00 15.81
CA GLY A 94 -8.12 20.40 15.35
C GLY A 94 -7.04 20.96 14.44
N LYS A 95 -6.14 20.11 13.94
CA LYS A 95 -4.99 20.54 13.12
C LYS A 95 -5.35 20.34 11.62
N PHE A 96 -4.63 21.03 10.79
CA PHE A 96 -4.70 20.79 9.33
C PHE A 96 -4.64 19.27 9.13
N PRO A 97 -5.47 18.74 8.27
CA PRO A 97 -5.63 17.26 8.24
C PRO A 97 -4.35 16.53 7.81
N LEU A 98 -3.78 15.70 8.69
CA LEU A 98 -2.51 15.10 8.41
C LEU A 98 -2.62 14.11 7.23
N CYS A 99 -3.83 13.56 6.96
CA CYS A 99 -4.07 12.68 5.85
C CYS A 99 -3.50 13.26 4.57
N LEU A 100 -3.69 14.59 4.40
CA LEU A 100 -3.39 15.22 3.11
C LEU A 100 -1.90 15.19 2.79
N TYR A 101 -1.02 15.12 3.82
CA TYR A 101 0.39 15.10 3.60
C TYR A 101 0.82 13.93 2.74
N CYS A 102 0.08 12.87 2.81
CA CYS A 102 0.34 11.58 2.08
C CYS A 102 -0.66 11.34 0.97
N HIS A 103 -1.95 11.64 1.22
CA HIS A 103 -3.05 11.32 0.27
C HIS A 103 -3.34 12.43 -0.71
N ALA A 104 -2.98 13.70 -0.42
CA ALA A 104 -3.22 14.79 -1.36
C ALA A 104 -2.07 15.77 -1.24
N PRO A 105 -0.86 15.33 -1.59
CA PRO A 105 0.32 16.11 -1.29
C PRO A 105 0.33 17.49 -1.82
N ASN A 106 -0.17 17.74 -3.04
CA ASN A 106 -0.11 19.10 -3.53
C ASN A 106 -1.10 20.04 -2.86
N ALA A 107 -2.17 19.48 -2.35
CA ALA A 107 -3.14 20.27 -1.53
C ALA A 107 -2.47 20.64 -0.21
N ALA A 108 -1.79 19.67 0.43
CA ALA A 108 -1.12 20.00 1.68
C ALA A 108 -0.02 21.03 1.39
N ARG A 109 0.65 20.94 0.24
CA ARG A 109 1.73 21.91 -0.07
C ARG A 109 1.20 23.34 -0.22
N ASP A 110 -0.05 23.48 -0.61
CA ASP A 110 -0.72 24.76 -0.77
C ASP A 110 -1.59 25.13 0.45
N GLN A 111 -1.48 24.36 1.55
CA GLN A 111 -2.31 24.62 2.78
C GLN A 111 -3.79 24.73 2.46
N THR A 112 -4.32 23.80 1.69
CA THR A 112 -5.77 23.78 1.39
C THR A 112 -6.37 22.41 1.59
N THR A 113 -7.62 22.37 2.01
CA THR A 113 -8.36 21.15 2.25
C THR A 113 -9.46 20.94 1.21
N LYS A 114 -9.59 21.86 0.26
CA LYS A 114 -10.65 21.74 -0.74
C LYS A 114 -10.13 21.04 -1.96
N LEU A 115 -10.32 19.71 -1.90
CA LEU A 115 -9.57 18.83 -2.80
C LEU A 115 -10.12 18.88 -4.22
N ASP A 116 -11.34 19.39 -4.43
CA ASP A 116 -11.90 19.39 -5.77
C ASP A 116 -11.59 20.63 -6.55
N ALA A 117 -10.86 21.53 -5.98
CA ALA A 117 -10.62 22.84 -6.61
C ALA A 117 -9.67 22.90 -7.74
N HIS A 118 -8.78 21.91 -7.91
CA HIS A 118 -7.73 22.02 -8.86
C HIS A 118 -7.20 20.64 -9.22
N PRO A 119 -6.78 20.39 -10.45
CA PRO A 119 -6.22 19.05 -10.77
C PRO A 119 -5.03 18.68 -9.90
N ALA A 120 -4.24 19.64 -9.44
CA ALA A 120 -3.09 19.30 -8.62
C ALA A 120 -3.57 18.55 -7.38
N TYR A 121 -4.77 18.84 -6.88
CA TYR A 121 -5.31 18.24 -5.70
C TYR A 121 -6.12 16.97 -6.04
N THR A 122 -6.92 17.01 -7.13
CA THR A 122 -7.72 15.86 -7.45
C THR A 122 -6.90 14.64 -7.89
N GLU A 123 -5.73 14.90 -8.41
CA GLU A 123 -4.86 13.86 -8.88
C GLU A 123 -4.05 13.19 -7.78
N GLY A 124 -4.21 13.59 -6.52
CA GLY A 124 -3.63 12.76 -5.46
C GLY A 124 -2.07 12.74 -5.54
N VAL A 125 -1.53 11.54 -5.42
CA VAL A 125 -0.08 11.39 -5.51
C VAL A 125 0.26 11.31 -7.00
N ASN A 126 0.54 12.47 -7.57
CA ASN A 126 0.65 12.62 -9.01
C ASN A 126 2.08 12.82 -9.45
N CYS A 127 2.29 13.02 -10.78
CA CYS A 127 3.67 13.07 -11.30
C CYS A 127 4.50 14.05 -10.57
N VAL A 128 4.03 15.29 -10.45
CA VAL A 128 4.83 16.31 -9.84
C VAL A 128 4.94 16.16 -8.30
N ALA A 129 3.96 15.52 -7.66
CA ALA A 129 4.11 15.27 -6.21
C ALA A 129 5.29 14.40 -5.95
N CYS A 130 5.42 13.32 -6.67
CA CYS A 130 6.58 12.48 -6.44
C CYS A 130 7.85 13.12 -7.01
N HIS A 131 7.74 13.72 -8.20
CA HIS A 131 8.94 14.19 -8.88
C HIS A 131 9.46 15.56 -8.43
N THR A 132 8.87 16.10 -7.37
CA THR A 132 9.45 17.34 -6.75
C THR A 132 10.04 17.04 -5.35
N LEU A 133 9.98 15.79 -4.88
CA LEU A 133 10.62 15.42 -3.59
C LEU A 133 12.11 15.46 -3.84
N LYS A 134 12.85 16.25 -3.04
CA LYS A 134 14.28 16.44 -3.27
C LYS A 134 15.20 15.71 -2.28
N THR A 135 14.95 15.90 -0.99
CA THR A 135 15.86 15.30 0.02
C THR A 135 15.02 14.76 1.14
N TYR A 136 15.18 13.49 1.41
CA TYR A 136 14.46 12.86 2.48
C TYR A 136 15.11 13.07 3.85
N ASN A 137 14.38 13.72 4.73
CA ASN A 137 14.87 14.12 6.11
C ASN A 137 14.55 13.12 7.21
N GLY A 138 13.75 12.11 6.91
CA GLY A 138 13.20 11.18 7.85
C GLY A 138 11.92 11.67 8.44
N ILE A 139 11.13 10.74 8.94
CA ILE A 139 9.88 11.09 9.53
C ILE A 139 9.93 11.67 10.93
N GLN A 140 11.02 11.46 11.68
CA GLN A 140 11.07 11.95 13.06
C GLN A 140 12.11 13.04 13.04
N ASP A 141 11.73 14.21 13.43
CA ASP A 141 12.71 15.27 13.56
C ASP A 141 13.53 15.13 14.87
N ALA A 142 14.58 15.96 14.98
CA ALA A 142 15.48 15.93 16.18
C ALA A 142 14.75 16.11 17.54
N GLU A 143 13.58 16.73 17.57
CA GLU A 143 12.83 16.85 18.78
C GLU A 143 11.73 15.82 18.98
N GLY A 144 11.67 14.82 18.07
CA GLY A 144 10.79 13.72 18.17
C GLY A 144 9.44 13.90 17.52
N LYS A 145 9.25 15.05 16.84
CA LYS A 145 7.95 15.35 16.17
C LYS A 145 7.89 14.53 14.89
N LEU A 146 6.80 13.86 14.67
CA LEU A 146 6.64 13.04 13.41
C LEU A 146 6.21 13.97 12.29
N ARG A 147 6.87 13.86 11.16
CA ARG A 147 6.69 14.69 10.00
C ARG A 147 6.27 13.67 8.92
N TYR A 148 5.03 13.74 8.43
CA TYR A 148 4.56 12.73 7.46
C TYR A 148 4.51 13.26 6.06
N GLY A 149 4.71 12.37 5.11
CA GLY A 149 4.47 12.63 3.72
C GLY A 149 5.33 13.73 3.20
N ILE A 150 4.82 14.74 2.55
CA ILE A 150 5.65 15.77 2.00
C ILE A 150 6.44 16.55 3.09
N LYS A 151 5.99 16.47 4.36
CA LYS A 151 6.68 17.17 5.42
C LYS A 151 7.99 16.49 5.85
N ALA A 152 8.22 15.24 5.40
CA ALA A 152 9.44 14.52 5.63
C ALA A 152 10.54 14.85 4.62
N TYR A 153 10.27 15.75 3.67
CA TYR A 153 11.20 16.08 2.64
C TYR A 153 11.48 17.57 2.50
N ASP A 154 12.64 17.92 1.96
CA ASP A 154 12.85 19.19 1.32
C ASP A 154 12.28 19.01 -0.09
N LEU A 155 11.50 20.01 -0.48
CA LEU A 155 10.86 19.99 -1.81
C LEU A 155 11.63 20.87 -2.79
N SER A 156 11.47 20.62 -4.10
CA SER A 156 12.18 21.40 -5.11
C SER A 156 11.12 22.10 -5.98
N ASP A 157 11.48 23.24 -6.55
CA ASP A 157 10.73 23.77 -7.64
C ASP A 157 11.12 23.23 -9.04
N ARG A 158 11.99 22.21 -9.07
CA ARG A 158 12.47 21.56 -10.29
C ARG A 158 12.08 20.09 -10.15
N LEU A 159 11.79 19.49 -11.25
CA LEU A 159 11.60 18.08 -11.34
C LEU A 159 12.88 17.37 -11.03
N GLN A 160 12.72 16.21 -10.43
CA GLN A 160 13.82 15.35 -9.93
C GLN A 160 13.78 14.05 -10.67
N ALA A 161 14.92 13.63 -11.23
CA ALA A 161 14.95 12.43 -12.08
C ALA A 161 16.10 11.52 -11.75
N PRO A 162 16.01 10.23 -12.08
CA PRO A 162 17.10 9.30 -11.71
C PRO A 162 18.39 9.58 -12.41
N ILE A 163 18.32 10.00 -13.68
CA ILE A 163 19.55 10.39 -14.46
C ILE A 163 19.56 11.86 -14.86
N GLY A 164 18.40 12.41 -15.23
CA GLY A 164 18.34 13.73 -15.76
C GLY A 164 18.98 13.76 -17.14
N PHE A 165 19.54 14.93 -17.44
CA PHE A 165 20.19 15.15 -18.74
C PHE A 165 21.55 15.80 -18.55
N PRO A 166 22.55 14.99 -18.17
CA PRO A 166 23.87 15.51 -17.90
C PRO A 166 24.52 15.77 -19.25
N ARG A 167 24.34 16.96 -19.70
CA ARG A 167 24.78 17.32 -21.02
C ARG A 167 25.74 18.48 -21.01
N GLU A 168 26.33 18.78 -19.85
CA GLU A 168 27.25 19.91 -19.76
C GLU A 168 28.46 19.67 -20.71
N LEU A 169 29.00 18.47 -20.71
CA LEU A 169 30.15 18.22 -21.59
C LEU A 169 29.81 18.53 -23.05
N GLU A 170 28.63 18.12 -23.52
CA GLU A 170 28.20 18.39 -24.92
C GLU A 170 28.06 19.90 -25.20
N ARG A 171 27.64 20.65 -24.20
CA ARG A 171 27.49 22.10 -24.33
C ARG A 171 28.90 22.69 -24.39
N LEU A 172 29.77 22.28 -23.47
CA LEU A 172 31.17 22.81 -23.43
C LEU A 172 31.96 22.65 -24.69
N LYS A 173 31.79 21.53 -25.39
CA LYS A 173 32.48 21.24 -26.64
C LYS A 173 31.89 21.99 -27.84
N ALA A 174 30.56 21.93 -28.00
CA ALA A 174 29.83 22.70 -29.01
C ALA A 174 30.17 24.20 -28.98
N LYS A 191 11.62 13.00 -28.99
CA LYS A 191 10.55 13.95 -28.68
C LYS A 191 11.09 15.27 -28.24
N PRO A 192 10.31 16.37 -28.45
CA PRO A 192 10.77 17.60 -27.91
C PRO A 192 11.00 17.39 -26.41
N ASN A 193 12.00 18.07 -25.92
CA ASN A 193 12.49 17.88 -24.52
C ASN A 193 12.40 19.18 -23.80
N PRO A 194 11.37 19.35 -22.91
CA PRO A 194 11.20 20.57 -22.17
C PRO A 194 12.03 20.66 -20.86
N HIS A 195 12.87 19.65 -20.65
CA HIS A 195 13.67 19.52 -19.44
C HIS A 195 15.13 20.03 -19.62
N LEU A 196 15.39 20.83 -20.66
CA LEU A 196 16.79 21.26 -21.00
C LEU A 196 16.99 22.75 -20.87
N GLY A 197 16.14 23.38 -20.10
CA GLY A 197 16.25 24.78 -19.80
C GLY A 197 15.39 25.74 -20.59
N GLU A 198 14.55 25.27 -21.51
CA GLU A 198 13.62 26.17 -22.23
C GLU A 198 12.29 25.52 -22.62
N PRO A 199 11.25 26.35 -22.89
CA PRO A 199 10.01 25.85 -23.48
C PRO A 199 10.26 25.21 -24.81
N VAL A 200 9.33 24.34 -25.20
CA VAL A 200 9.42 23.69 -26.48
C VAL A 200 8.06 23.69 -27.11
N GLU A 201 8.03 23.56 -28.44
CA GLU A 201 6.75 23.36 -29.14
C GLU A 201 6.50 21.93 -29.38
N LEU A 202 5.28 21.49 -29.10
CA LEU A 202 4.93 20.12 -29.42
C LEU A 202 3.59 20.17 -30.18
N ASP A 203 3.52 19.65 -31.41
CA ASP A 203 2.17 19.60 -32.10
C ASP A 203 1.47 20.99 -32.13
N GLY A 204 2.25 22.03 -32.41
CA GLY A 204 1.77 23.39 -32.37
C GLY A 204 1.50 24.08 -31.03
N LYS A 205 1.66 23.40 -29.91
CA LYS A 205 1.28 23.90 -28.59
C LYS A 205 2.58 24.20 -27.84
N THR A 206 2.69 25.32 -27.13
CA THR A 206 3.90 25.61 -26.39
C THR A 206 3.82 24.81 -25.09
N ILE A 207 4.89 24.06 -24.84
CA ILE A 207 5.12 23.36 -23.56
C ILE A 207 6.06 24.23 -22.73
N PRO A 208 5.64 24.60 -21.52
CA PRO A 208 6.58 25.45 -20.77
C PRO A 208 7.87 24.67 -20.40
N ALA A 209 8.95 25.39 -20.06
CA ALA A 209 10.11 24.78 -19.52
C ALA A 209 9.71 24.02 -18.20
N LEU A 210 10.17 22.78 -18.13
CA LEU A 210 9.94 21.84 -17.01
C LEU A 210 11.30 21.41 -16.50
N THR A 211 11.97 22.33 -15.81
CA THR A 211 13.32 22.23 -15.50
C THR A 211 13.53 21.10 -14.53
N MET A 212 14.66 20.45 -14.72
CA MET A 212 14.92 19.11 -14.14
C MET A 212 16.32 19.02 -13.57
N GLU A 213 16.51 18.23 -12.52
CA GLU A 213 17.81 17.99 -11.89
C GLU A 213 17.99 16.54 -11.69
N ALA A 214 19.20 16.01 -11.81
CA ALA A 214 19.49 14.64 -11.56
C ALA A 214 19.55 14.46 -10.04
N ASN A 215 18.97 13.36 -9.56
CA ASN A 215 18.88 13.07 -8.15
C ASN A 215 18.76 11.54 -7.94
N PRO A 216 19.83 10.80 -8.24
CA PRO A 216 19.77 9.35 -8.16
C PRO A 216 19.47 8.83 -6.78
N ARG A 217 20.00 9.46 -5.74
CA ARG A 217 19.77 8.93 -4.38
C ARG A 217 18.35 9.05 -3.94
N GLN A 218 17.67 10.10 -4.32
CA GLN A 218 16.24 10.19 -4.05
C GLN A 218 15.39 9.26 -4.89
N LEU A 219 15.63 9.27 -6.17
CA LEU A 219 14.76 8.54 -7.09
C LEU A 219 14.97 7.02 -7.11
N ARG A 220 16.21 6.55 -6.84
CA ARG A 220 16.51 5.14 -6.99
C ARG A 220 16.48 4.35 -5.72
N THR A 221 16.37 5.00 -4.56
CA THR A 221 16.33 4.30 -3.28
C THR A 221 14.97 4.48 -2.58
N SER A 222 14.80 3.84 -1.43
CA SER A 222 13.61 3.94 -0.69
C SER A 222 13.31 5.32 -0.22
N ASP A 223 14.25 6.28 -0.31
CA ASP A 223 13.89 7.68 -0.08
C ASP A 223 12.69 8.14 -0.88
N ALA A 224 12.47 7.50 -2.02
CA ALA A 224 11.37 7.87 -2.93
C ALA A 224 10.04 7.53 -2.29
N CYS A 225 10.00 6.66 -1.27
CA CYS A 225 8.72 6.13 -0.79
C CYS A 225 8.52 6.40 0.70
N MET A 226 9.60 6.54 1.48
CA MET A 226 9.48 6.41 2.92
C MET A 226 8.69 7.48 3.61
N GLY A 227 8.64 8.70 3.12
CA GLY A 227 7.85 9.74 3.85
C GLY A 227 6.38 9.36 4.02
N CYS A 228 5.87 8.72 2.99
CA CYS A 228 4.46 8.25 3.00
C CYS A 228 4.26 6.87 3.45
N HIS A 229 5.29 6.02 3.38
CA HIS A 229 5.15 4.60 3.65
C HIS A 229 5.92 4.07 4.86
N ASP A 230 6.71 4.89 5.55
CA ASP A 230 7.60 4.35 6.67
C ASP A 230 6.70 3.97 7.84
N GLN A 231 5.92 4.93 8.32
CA GLN A 231 5.21 4.70 9.61
C GLN A 231 4.09 5.70 9.72
N ARG A 232 3.00 5.29 10.37
CA ARG A 232 2.08 6.27 10.88
C ARG A 232 1.59 5.81 12.18
N ASP A 233 1.57 6.73 13.17
CA ASP A 233 1.17 6.38 14.54
C ASP A 233 -0.12 7.05 14.89
N ASN A 234 -0.79 6.44 15.84
CA ASN A 234 -1.96 7.06 16.43
C ASN A 234 -1.48 8.14 17.42
N PRO A 235 -2.40 8.79 18.10
CA PRO A 235 -1.94 9.92 18.91
C PRO A 235 -1.28 9.48 20.20
N GLN A 236 -1.44 8.23 20.59
CA GLN A 236 -0.72 7.68 21.72
C GLN A 236 0.55 7.01 21.28
N GLY A 237 1.00 7.20 20.02
CA GLY A 237 2.29 6.67 19.56
C GLY A 237 2.23 5.22 19.11
N VAL A 238 1.03 4.66 18.98
CA VAL A 238 0.96 3.25 18.64
C VAL A 238 1.05 3.15 17.13
N PRO A 239 1.91 2.23 16.60
CA PRO A 239 1.91 2.20 15.16
C PRO A 239 0.59 1.73 14.58
N LEU A 240 0.16 2.37 13.51
CA LEU A 240 -0.97 1.92 12.68
C LEU A 240 -0.43 1.23 11.43
N CYS A 241 0.48 1.93 10.75
CA CYS A 241 1.21 1.43 9.52
C CYS A 241 2.68 1.41 9.88
N GLN A 242 3.43 0.38 9.48
CA GLN A 242 4.82 0.27 9.96
C GLN A 242 5.68 -0.52 8.99
N THR A 243 5.42 -0.23 7.74
CA THR A 243 6.14 -0.92 6.62
C THR A 243 7.66 -0.65 6.76
N GLY A 244 8.08 0.54 7.14
CA GLY A 244 9.55 0.76 7.46
C GLY A 244 10.20 0.04 8.59
N LYS A 245 9.53 -0.10 9.75
CA LYS A 245 10.09 -0.85 10.85
C LYS A 245 10.13 -2.27 10.43
N GLU A 246 9.12 -2.75 9.68
CA GLU A 246 9.20 -4.14 9.25
C GLU A 246 10.40 -4.39 8.35
N PHE A 247 10.56 -3.47 7.40
CA PHE A 247 11.65 -3.53 6.42
C PHE A 247 13.04 -3.52 7.10
N ILE A 248 13.20 -2.68 8.12
CA ILE A 248 14.42 -2.74 8.97
C ILE A 248 14.61 -4.07 9.64
N ALA A 249 13.58 -4.54 10.34
CA ALA A 249 13.73 -5.74 11.09
C ALA A 249 14.15 -6.89 10.24
N GLY A 250 13.62 -6.96 8.99
CA GLY A 250 13.78 -8.10 8.15
C GLY A 250 15.15 -8.15 7.51
N GLY A 251 15.79 -7.00 7.48
CA GLY A 251 17.21 -6.94 7.05
C GLY A 251 17.45 -6.85 5.57
N SER A 252 16.40 -6.75 4.75
CA SER A 252 16.61 -6.63 3.29
C SER A 252 17.34 -5.35 2.88
N GLN A 253 18.12 -5.44 1.83
CA GLN A 253 18.82 -4.29 1.26
C GLN A 253 18.20 -3.97 -0.14
N VAL A 254 17.03 -4.54 -0.50
CA VAL A 254 16.41 -4.29 -1.82
C VAL A 254 15.56 -2.99 -1.70
N ALA A 255 15.74 -2.05 -2.65
CA ALA A 255 14.97 -0.79 -2.79
C ALA A 255 13.53 -1.16 -3.19
N CYS A 256 12.57 -0.40 -2.65
CA CYS A 256 11.14 -0.69 -2.93
C CYS A 256 10.91 -0.81 -4.44
N GLN A 257 11.59 0.08 -5.22
CA GLN A 257 11.42 0.13 -6.65
C GLN A 257 11.81 -1.14 -7.38
N THR A 258 12.79 -1.85 -6.86
CA THR A 258 13.15 -3.08 -7.54
C THR A 258 12.04 -4.06 -7.70
N CYS A 259 11.08 -4.10 -6.74
CA CYS A 259 9.90 -4.89 -6.87
C CYS A 259 8.68 -4.14 -7.41
N HIS A 260 8.52 -2.86 -6.99
CA HIS A 260 7.30 -2.09 -7.24
C HIS A 260 7.31 -1.17 -8.43
N MET A 261 8.50 -0.95 -9.04
CA MET A 261 8.67 -0.18 -10.27
C MET A 261 9.57 -0.91 -11.24
N PRO A 262 9.20 -2.17 -11.52
CA PRO A 262 10.10 -2.95 -12.36
C PRO A 262 10.27 -2.38 -13.73
N VAL A 263 11.44 -2.70 -14.33
CA VAL A 263 11.68 -2.46 -15.70
C VAL A 263 10.87 -3.49 -16.52
N ALA A 264 9.96 -2.96 -17.27
CA ALA A 264 9.08 -3.74 -18.16
C ALA A 264 8.81 -2.90 -19.37
N GLY A 265 8.90 -3.50 -20.53
CA GLY A 265 8.84 -2.74 -21.74
C GLY A 265 9.88 -1.65 -21.78
N GLY A 266 10.98 -1.76 -20.97
CA GLY A 266 12.11 -0.82 -21.05
C GLY A 266 12.14 0.43 -20.26
N PHE A 267 11.22 0.53 -19.29
CA PHE A 267 11.21 1.70 -18.38
C PHE A 267 10.53 1.27 -17.10
N ALA A 268 10.64 2.12 -16.10
CA ALA A 268 10.14 1.78 -14.72
C ALA A 268 8.61 1.83 -14.71
N ASP A 269 7.99 0.69 -14.49
CA ASP A 269 6.56 0.53 -14.42
C ASP A 269 5.99 1.36 -13.23
N HIS A 270 5.07 2.27 -13.57
CA HIS A 270 4.42 3.14 -12.55
C HIS A 270 3.06 2.62 -12.06
N SER A 271 2.67 1.41 -12.39
CA SER A 271 1.36 0.88 -11.91
C SER A 271 1.32 0.76 -10.39
N MET A 272 2.39 0.24 -9.77
CA MET A 272 2.54 0.22 -8.30
C MET A 272 1.29 -0.34 -7.63
N GLY A 273 0.89 -1.49 -8.08
CA GLY A 273 -0.20 -2.23 -7.49
C GLY A 273 0.17 -3.03 -6.24
N GLY A 274 -0.76 -3.05 -5.30
CA GLY A 274 -0.65 -3.80 -4.12
C GLY A 274 -1.96 -4.53 -3.85
N GLY A 275 -2.59 -4.19 -2.73
CA GLY A 275 -3.82 -4.87 -2.27
C GLY A 275 -5.01 -4.71 -3.16
N HIS A 276 -5.02 -3.75 -4.09
CA HIS A 276 -6.15 -3.60 -4.99
C HIS A 276 -5.92 -4.43 -6.26
N HIS A 277 -4.82 -5.19 -6.35
CA HIS A 277 -4.44 -5.88 -7.56
C HIS A 277 -4.18 -7.34 -7.28
N GLU A 278 -5.15 -8.14 -7.70
CA GLU A 278 -5.10 -9.58 -7.55
C GLU A 278 -3.85 -10.30 -8.13
N ALA A 279 -3.31 -9.93 -9.31
CA ALA A 279 -2.06 -10.58 -9.74
C ALA A 279 -0.89 -10.35 -8.88
N MET A 280 -0.77 -9.15 -8.29
CA MET A 280 0.29 -8.89 -7.42
C MET A 280 0.10 -9.77 -6.16
N LEU A 281 -1.10 -9.75 -5.63
CA LEU A 281 -1.39 -10.53 -4.40
C LEU A 281 -1.07 -12.02 -4.58
N LYS A 282 -1.42 -12.56 -5.72
CA LYS A 282 -1.05 -14.04 -5.96
C LYS A 282 0.40 -14.35 -6.03
N ARG A 283 1.17 -13.40 -6.48
CA ARG A 283 2.63 -13.50 -6.44
C ARG A 283 3.25 -13.26 -5.17
N SER A 284 2.53 -12.76 -4.19
CA SER A 284 3.18 -12.26 -3.04
C SER A 284 3.56 -13.25 -2.00
N ILE A 285 3.09 -14.50 -2.14
CA ILE A 285 3.37 -15.61 -1.25
C ILE A 285 3.58 -16.90 -2.09
N VAL A 286 4.20 -17.89 -1.50
CA VAL A 286 4.18 -19.26 -1.96
C VAL A 286 3.33 -20.09 -0.99
N PHE A 287 2.29 -20.70 -1.51
CA PHE A 287 1.34 -21.45 -0.72
C PHE A 287 1.31 -22.91 -1.13
N ASP A 288 1.44 -23.81 -0.19
CA ASP A 288 1.37 -25.25 -0.52
C ASP A 288 0.78 -26.06 0.63
N LEU A 289 0.11 -27.15 0.24
CA LEU A 289 -0.56 -28.07 1.17
C LEU A 289 0.00 -29.46 0.92
N THR A 290 0.48 -30.06 1.99
CA THR A 290 0.97 -31.46 2.02
C THR A 290 0.12 -32.28 2.97
N THR A 291 -0.10 -33.56 2.67
CA THR A 291 -0.79 -34.41 3.67
C THR A 291 -0.03 -35.71 3.79
N LYS A 292 -0.05 -36.25 5.00
CA LYS A 292 0.50 -37.60 5.28
C LYS A 292 -0.62 -38.34 6.03
N ALA A 293 -0.67 -39.67 5.93
CA ALA A 293 -1.52 -40.42 6.89
C ALA A 293 -0.97 -40.37 8.32
N ASP A 294 -1.87 -40.33 9.27
CA ASP A 294 -1.55 -40.29 10.65
C ASP A 294 -2.67 -41.05 11.39
N LYS A 295 -2.58 -42.38 11.36
CA LYS A 295 -3.50 -43.25 12.13
C LYS A 295 -4.82 -43.16 11.43
N GLU A 296 -5.90 -42.75 12.11
CA GLU A 296 -7.21 -42.59 11.45
C GLU A 296 -7.48 -41.13 11.16
N LYS A 297 -6.39 -40.34 11.18
CA LYS A 297 -6.39 -38.93 10.74
C LYS A 297 -5.55 -38.73 9.51
N ILE A 298 -5.75 -37.56 8.91
CA ILE A 298 -4.90 -37.07 7.85
C ILE A 298 -4.16 -35.88 8.52
N ALA A 299 -2.85 -35.95 8.60
CA ALA A 299 -2.03 -34.80 9.01
C ALA A 299 -1.80 -33.90 7.78
N ALA A 300 -2.34 -32.69 7.86
CA ALA A 300 -2.33 -31.72 6.75
C ALA A 300 -1.38 -30.61 7.19
N GLN A 301 -0.41 -30.27 6.33
CA GLN A 301 0.55 -29.19 6.61
C GLN A 301 0.35 -28.13 5.58
N VAL A 302 0.09 -26.90 6.05
CA VAL A 302 -0.09 -25.76 5.18
C VAL A 302 1.19 -24.94 5.35
N TRP A 303 1.89 -24.70 4.24
CA TRP A 303 3.11 -23.87 4.22
C TRP A 303 2.85 -22.57 3.49
N ILE A 304 3.17 -21.48 4.16
CA ILE A 304 2.93 -20.15 3.51
C ILE A 304 4.25 -19.37 3.65
N ARG A 305 4.93 -19.15 2.52
CA ARG A 305 6.15 -18.32 2.53
C ARG A 305 5.84 -16.91 2.02
N ASN A 306 6.15 -15.92 2.87
CA ASN A 306 6.09 -14.51 2.48
C ASN A 306 7.33 -14.22 1.64
N LEU A 307 7.09 -13.82 0.42
CA LEU A 307 8.17 -13.43 -0.52
C LEU A 307 8.63 -11.99 -0.32
N GLN A 308 8.03 -11.22 0.60
CA GLN A 308 8.28 -9.79 0.73
C GLN A 308 9.26 -9.50 1.85
N PRO A 309 9.95 -8.35 1.84
CA PRO A 309 10.88 -7.96 2.86
C PRO A 309 10.20 -7.13 3.98
N HIS A 310 8.89 -6.85 3.80
CA HIS A 310 8.02 -6.27 4.81
C HIS A 310 7.06 -7.36 5.23
N ALA A 311 6.27 -7.10 6.26
CA ALA A 311 5.20 -8.05 6.60
C ALA A 311 4.22 -8.29 5.45
N MET A 312 3.47 -9.40 5.58
CA MET A 312 2.43 -9.68 4.67
C MET A 312 1.18 -9.94 5.48
N PRO A 313 0.18 -9.05 5.47
CA PRO A 313 0.09 -7.84 4.70
C PRO A 313 0.64 -6.63 5.42
N THR A 314 1.44 -5.84 4.72
CA THR A 314 1.94 -4.60 5.26
C THR A 314 0.95 -3.44 5.05
N GLY A 315 1.29 -2.29 5.62
CA GLY A 315 0.59 -1.04 5.45
C GLY A 315 -0.59 -0.82 6.40
N ALA A 316 -1.75 -0.50 5.85
CA ALA A 316 -2.90 -0.15 6.65
C ALA A 316 -3.21 -1.22 7.66
N PRO A 317 -3.61 -0.78 8.86
CA PRO A 317 -3.69 -1.71 9.97
C PRO A 317 -4.81 -2.72 9.84
N PHE A 318 -5.73 -2.43 8.90
CA PHE A 318 -6.89 -3.30 8.77
C PHE A 318 -6.73 -4.40 7.71
N ARG A 319 -5.59 -4.41 7.00
CA ARG A 319 -5.36 -5.47 6.12
C ARG A 319 -5.26 -6.80 6.91
N ASN A 320 -5.81 -7.83 6.29
CA ASN A 320 -5.77 -9.15 6.90
C ASN A 320 -5.90 -10.29 5.94
N LEU A 321 -5.32 -11.42 6.28
CA LEU A 321 -5.55 -12.67 5.53
C LEU A 321 -6.17 -13.70 6.40
N TYR A 322 -6.76 -14.70 5.76
CA TYR A 322 -7.17 -15.88 6.53
C TYR A 322 -7.09 -17.10 5.67
N LEU A 323 -6.83 -18.24 6.33
CA LEU A 323 -6.71 -19.55 5.72
C LEU A 323 -8.02 -20.31 5.95
N LYS A 324 -8.61 -20.84 4.89
CA LYS A 324 -9.67 -21.84 5.01
C LYS A 324 -9.14 -23.18 4.51
N LEU A 325 -9.23 -24.19 5.35
CA LEU A 325 -8.81 -25.53 5.02
C LEU A 325 -10.02 -26.45 5.23
N THR A 326 -10.34 -27.20 4.19
CA THR A 326 -11.63 -27.91 4.18
C THR A 326 -11.38 -29.30 3.62
N ALA A 327 -12.03 -30.32 4.21
CA ALA A 327 -11.95 -31.70 3.73
C ALA A 327 -13.32 -32.11 3.24
N TYR A 328 -13.34 -32.74 2.08
CA TYR A 328 -14.64 -33.08 1.40
C TYR A 328 -14.70 -34.60 1.14
N ASP A 329 -15.95 -35.15 1.12
CA ASP A 329 -16.16 -36.44 0.63
C ASP A 329 -16.17 -36.43 -0.90
N ALA A 330 -16.31 -37.65 -1.51
CA ALA A 330 -16.27 -37.77 -2.96
C ALA A 330 -17.50 -37.24 -3.68
N SER A 331 -18.54 -36.80 -2.95
CA SER A 331 -19.68 -36.11 -3.53
C SER A 331 -19.56 -34.60 -3.39
N GLY A 332 -18.44 -34.19 -2.82
CA GLY A 332 -18.15 -32.76 -2.57
C GLY A 332 -18.79 -32.15 -1.36
N GLU A 333 -19.23 -32.96 -0.42
CA GLU A 333 -19.87 -32.50 0.82
C GLU A 333 -18.78 -32.26 1.82
N VAL A 334 -18.89 -31.17 2.61
CA VAL A 334 -17.90 -30.91 3.63
C VAL A 334 -17.93 -31.88 4.80
N LEU A 335 -16.80 -32.48 5.10
CA LEU A 335 -16.64 -33.28 6.27
C LEU A 335 -15.97 -32.60 7.47
N TRP A 336 -15.10 -31.64 7.18
CA TRP A 336 -14.33 -30.98 8.24
C TRP A 336 -13.86 -29.67 7.74
N GLN A 337 -13.71 -28.69 8.64
CA GLN A 337 -13.20 -27.36 8.26
C GLN A 337 -12.44 -26.81 9.41
N ASN A 338 -11.41 -26.05 9.16
CA ASN A 338 -10.60 -25.49 10.25
C ASN A 338 -11.41 -24.46 11.02
N ALA A 339 -12.27 -23.77 10.33
CA ALA A 339 -12.98 -22.64 10.81
C ALA A 339 -14.30 -22.75 10.20
N ALA A 340 -15.29 -22.86 11.10
CA ALA A 340 -16.66 -23.00 10.69
C ALA A 340 -17.08 -21.78 9.92
N ASP A 341 -16.89 -20.62 10.54
CA ASP A 341 -17.11 -19.31 9.91
C ASP A 341 -15.71 -18.60 9.76
N HIS A 342 -15.55 -17.42 10.34
CA HIS A 342 -14.31 -16.59 10.11
C HIS A 342 -13.25 -17.06 11.06
N PRO A 343 -12.04 -17.33 10.57
CA PRO A 343 -10.96 -17.76 11.39
C PRO A 343 -10.62 -16.84 12.51
N SER A 344 -10.88 -15.53 12.40
CA SER A 344 -10.62 -14.65 13.55
C SER A 344 -11.28 -15.12 14.83
N LYS A 345 -12.46 -15.68 14.67
CA LYS A 345 -13.25 -16.27 15.78
C LYS A 345 -13.12 -17.75 15.93
N ASP A 346 -12.99 -18.47 14.84
CA ASP A 346 -12.95 -19.93 14.92
C ASP A 346 -11.64 -20.63 14.82
N ASP A 347 -10.55 -19.99 14.33
CA ASP A 347 -9.26 -20.62 14.25
C ASP A 347 -8.17 -19.52 14.21
N PRO A 348 -7.89 -18.89 15.36
CA PRO A 348 -7.02 -17.70 15.31
C PRO A 348 -5.63 -17.84 14.73
N ARG A 349 -5.07 -19.03 14.69
CA ARG A 349 -3.80 -19.27 14.06
C ARG A 349 -3.93 -19.12 12.56
N ALA A 350 -5.14 -19.23 12.02
CA ALA A 350 -5.37 -19.09 10.61
C ALA A 350 -5.85 -17.65 10.22
N TYR A 351 -5.75 -16.67 11.16
CA TYR A 351 -6.08 -15.28 10.91
C TYR A 351 -4.78 -14.48 11.07
N PHE A 352 -4.39 -13.78 10.00
CA PHE A 352 -3.12 -13.12 9.90
C PHE A 352 -3.42 -11.63 9.83
N ALA A 353 -3.22 -10.99 10.95
CA ALA A 353 -3.74 -9.61 11.16
C ALA A 353 -3.01 -8.92 12.33
N TYR A 354 -3.14 -7.61 12.35
CA TYR A 354 -2.64 -6.74 13.40
C TYR A 354 -3.82 -6.18 14.16
N GLY A 355 -3.72 -6.06 15.47
CA GLY A 355 -4.76 -5.34 16.23
C GLY A 355 -4.04 -4.33 17.13
N LEU A 356 -4.85 -3.40 17.63
CA LEU A 356 -4.39 -2.48 18.67
C LEU A 356 -5.20 -2.71 19.94
N ALA A 357 -4.64 -2.22 21.02
CA ALA A 357 -5.17 -2.57 22.32
C ALA A 357 -5.16 -1.41 23.26
N ASP A 358 -5.92 -1.55 24.34
CA ASP A 358 -5.94 -0.56 25.46
C ASP A 358 -4.94 -0.97 26.50
N ASP A 359 -4.91 -0.29 27.67
CA ASP A 359 -3.87 -0.66 28.67
C ASP A 359 -4.05 -2.05 29.22
N GLN A 360 -5.27 -2.55 29.18
CA GLN A 360 -5.60 -3.92 29.60
C GLN A 360 -5.20 -5.02 28.61
N GLY A 361 -4.78 -4.67 27.39
CA GLY A 361 -4.44 -5.69 26.39
C GLY A 361 -5.62 -6.06 25.55
N ASN A 362 -6.75 -5.39 25.72
CA ASN A 362 -7.91 -5.78 25.00
C ASN A 362 -8.03 -4.89 23.81
N PRO A 363 -8.75 -5.35 22.75
CA PRO A 363 -8.87 -4.60 21.53
C PRO A 363 -9.50 -3.23 21.73
N ALA A 364 -8.97 -2.30 20.95
CA ALA A 364 -9.28 -0.92 21.06
C ALA A 364 -9.36 -0.37 19.65
N PRO A 365 -10.25 0.61 19.41
CA PRO A 365 -10.20 1.33 18.15
C PRO A 365 -8.82 2.00 17.91
N PRO A 366 -8.38 2.01 16.66
CA PRO A 366 -7.07 2.64 16.40
C PRO A 366 -6.88 4.08 16.97
N PRO A 367 -7.93 4.95 16.98
CA PRO A 367 -7.67 6.28 17.56
C PRO A 367 -7.44 6.38 19.03
N THR A 368 -7.98 5.47 19.82
CA THR A 368 -7.79 5.53 21.28
C THR A 368 -6.84 4.46 21.85
N ALA A 369 -6.36 3.56 21.02
CA ALA A 369 -5.48 2.53 21.48
C ALA A 369 -4.17 3.10 22.08
N THR A 370 -3.72 2.50 23.18
CA THR A 370 -2.52 2.95 23.86
C THR A 370 -1.40 1.95 23.71
N LYS A 371 -1.62 0.74 23.17
CA LYS A 371 -0.62 -0.35 23.10
C LYS A 371 -0.87 -1.16 21.76
N PRO A 372 0.22 -1.67 21.11
CA PRO A 372 -0.01 -2.66 20.04
C PRO A 372 -0.76 -3.85 20.59
N GLY A 373 -1.66 -4.41 19.78
CA GLY A 373 -2.24 -5.74 20.04
C GLY A 373 -1.38 -6.83 19.47
N ASP A 374 -1.91 -8.03 19.40
CA ASP A 374 -1.13 -9.11 18.82
C ASP A 374 -1.03 -8.90 17.30
N ASP A 375 0.08 -9.41 16.77
CA ASP A 375 0.37 -9.33 15.33
C ASP A 375 0.67 -10.67 14.85
N THR A 376 -0.27 -11.22 14.09
CA THR A 376 -0.13 -12.56 13.53
C THR A 376 0.14 -12.55 12.05
N ARG A 377 0.40 -11.33 11.51
CA ARG A 377 0.74 -11.24 10.09
C ARG A 377 2.03 -12.05 9.81
N LEU A 378 2.22 -12.42 8.54
CA LEU A 378 3.47 -13.02 8.21
C LEU A 378 4.55 -11.98 8.33
N GLN A 379 5.64 -12.34 8.98
CA GLN A 379 6.74 -11.46 9.18
C GLN A 379 7.63 -11.40 7.95
N PRO A 380 8.50 -10.38 7.88
CA PRO A 380 9.33 -10.31 6.66
C PRO A 380 10.00 -11.63 6.37
N HIS A 381 9.88 -12.09 5.11
CA HIS A 381 10.41 -13.33 4.60
C HIS A 381 10.13 -14.60 5.43
N GLU A 382 9.01 -14.59 6.20
CA GLU A 382 8.70 -15.69 7.05
C GLU A 382 8.06 -16.82 6.25
N THR A 383 8.42 -18.09 6.60
CA THR A 383 7.69 -19.24 6.15
C THR A 383 6.97 -19.80 7.41
N ARG A 384 5.63 -19.75 7.40
CA ARG A 384 4.79 -20.26 8.48
C ARG A 384 4.19 -21.60 8.08
N GLU A 385 4.32 -22.56 8.99
CA GLU A 385 3.79 -23.89 8.89
C GLU A 385 2.61 -24.00 9.85
N LEU A 386 1.46 -24.42 9.33
N LEU A 386 1.46 -24.43 9.32
CA LEU A 386 0.32 -24.74 10.19
CA LEU A 386 0.29 -24.73 10.14
C LEU A 386 -0.10 -26.17 9.98
C LEU A 386 -0.11 -26.17 9.98
N ASN A 387 -0.22 -26.89 11.11
CA ASN A 387 -0.55 -28.30 11.15
C ASN A 387 -1.96 -28.54 11.59
N TYR A 388 -2.63 -29.40 10.82
CA TYR A 388 -3.94 -29.82 11.21
C TYR A 388 -4.09 -31.33 11.24
N GLU A 389 -4.99 -31.82 12.11
CA GLU A 389 -5.30 -33.25 12.19
C GLU A 389 -6.77 -33.43 11.82
N ILE A 390 -6.97 -34.02 10.67
CA ILE A 390 -8.30 -34.11 10.04
C ILE A 390 -8.78 -35.60 10.18
N PRO A 391 -9.98 -35.79 10.73
CA PRO A 391 -10.51 -37.17 10.73
C PRO A 391 -10.58 -37.71 9.29
N ALA A 392 -10.07 -38.94 9.05
CA ALA A 392 -9.88 -39.42 7.70
C ALA A 392 -11.11 -40.03 7.04
N LYS A 393 -12.09 -40.50 7.86
CA LYS A 393 -13.31 -41.15 7.35
C LYS A 393 -14.01 -40.40 6.22
N GLY A 394 -14.01 -40.99 5.04
CA GLY A 394 -14.68 -40.49 3.87
C GLY A 394 -14.01 -39.39 3.09
N VAL A 395 -12.87 -38.95 3.55
CA VAL A 395 -12.24 -37.75 2.92
C VAL A 395 -11.60 -38.17 1.61
N ALA A 396 -12.05 -37.52 0.53
CA ALA A 396 -11.55 -37.68 -0.81
C ALA A 396 -10.67 -36.49 -1.24
N LEU A 397 -10.86 -35.30 -0.65
CA LEU A 397 -10.14 -34.09 -1.11
C LEU A 397 -9.88 -33.21 0.10
N VAL A 398 -8.68 -32.63 0.20
CA VAL A 398 -8.37 -31.59 1.21
C VAL A 398 -8.00 -30.36 0.36
N ARG A 399 -8.57 -29.19 0.70
CA ARG A 399 -8.41 -28.00 -0.17
C ARG A 399 -8.12 -26.86 0.79
N GLY A 400 -7.01 -26.17 0.49
CA GLY A 400 -6.67 -24.95 1.20
C GLY A 400 -6.85 -23.74 0.35
N GLU A 401 -7.35 -22.66 0.98
CA GLU A 401 -7.59 -21.44 0.30
C GLU A 401 -7.09 -20.30 1.15
N LEU A 402 -6.33 -19.35 0.58
CA LEU A 402 -5.84 -18.21 1.33
C LEU A 402 -6.51 -16.95 0.80
N TYR A 403 -7.14 -16.19 1.69
CA TYR A 403 -7.96 -15.01 1.35
C TYR A 403 -7.29 -13.75 1.87
N TYR A 404 -7.22 -12.75 1.03
CA TYR A 404 -6.78 -11.40 1.40
C TYR A 404 -7.98 -10.45 1.52
N ASN A 405 -7.86 -9.51 2.46
CA ASN A 405 -8.96 -8.58 2.70
C ASN A 405 -8.41 -7.18 2.97
N LEU A 406 -8.90 -6.16 2.23
CA LEU A 406 -8.55 -4.75 2.49
C LEU A 406 -8.93 -4.23 3.87
N LEU A 407 -10.00 -4.79 4.45
CA LEU A 407 -10.55 -4.33 5.72
C LEU A 407 -10.87 -5.44 6.66
N TRP A 408 -10.80 -5.18 7.96
CA TRP A 408 -11.25 -6.12 8.96
C TRP A 408 -12.69 -6.50 8.77
N PRO A 409 -13.05 -7.71 9.24
CA PRO A 409 -14.45 -8.18 9.06
C PRO A 409 -15.46 -7.28 9.76
N SER A 410 -15.13 -6.74 10.93
CA SER A 410 -15.93 -5.76 11.66
C SER A 410 -16.28 -4.59 10.75
N LEU A 411 -15.31 -4.13 9.99
CA LEU A 411 -15.55 -2.98 9.14
C LEU A 411 -16.36 -3.31 7.91
N VAL A 412 -16.14 -4.50 7.35
CA VAL A 412 -16.91 -5.00 6.20
C VAL A 412 -18.36 -5.23 6.61
N GLU A 413 -18.55 -5.69 7.83
CA GLU A 413 -19.94 -5.92 8.29
C GLU A 413 -20.69 -4.61 8.53
N LYS A 414 -19.98 -3.62 9.01
CA LYS A 414 -20.54 -2.30 9.29
C LYS A 414 -20.79 -1.48 8.02
N PHE A 415 -19.80 -1.35 7.15
CA PHE A 415 -19.87 -0.43 6.02
C PHE A 415 -20.26 -1.10 4.74
N THR A 416 -21.55 -1.53 4.67
CA THR A 416 -21.97 -2.38 3.64
C THR A 416 -22.32 -1.67 2.35
N GLN A 417 -22.27 -0.33 2.37
CA GLN A 417 -22.42 0.48 1.15
C GLN A 417 -21.14 0.63 0.35
N LEU A 418 -20.02 0.31 0.97
CA LEU A 418 -18.79 0.21 0.15
C LEU A 418 -18.96 -0.80 -1.00
N PRO A 419 -18.42 -0.49 -2.18
CA PRO A 419 -18.49 -1.38 -3.29
C PRO A 419 -18.09 -2.82 -2.93
N ALA A 420 -18.92 -3.77 -3.31
CA ALA A 420 -18.73 -5.17 -2.87
C ALA A 420 -17.47 -5.79 -3.45
N GLU A 421 -17.03 -5.23 -4.57
CA GLU A 421 -15.77 -5.60 -5.24
C GLU A 421 -14.59 -5.26 -4.38
N LEU A 422 -14.68 -4.19 -3.57
CA LEU A 422 -13.60 -3.83 -2.68
C LEU A 422 -13.56 -4.71 -1.52
N THR A 423 -14.74 -4.95 -0.90
CA THR A 423 -14.79 -5.51 0.42
C THR A 423 -14.82 -7.06 0.51
N ALA A 424 -15.11 -7.70 -0.60
CA ALA A 424 -15.14 -9.17 -0.67
C ALA A 424 -13.75 -9.73 -0.41
N PRO A 425 -13.68 -10.84 0.31
CA PRO A 425 -12.40 -11.53 0.36
C PRO A 425 -11.86 -11.85 -1.03
N VAL A 426 -10.56 -11.72 -1.20
CA VAL A 426 -9.86 -12.00 -2.41
C VAL A 426 -9.17 -13.33 -2.27
N LEU A 427 -9.52 -14.28 -3.15
CA LEU A 427 -8.81 -15.57 -3.15
C LEU A 427 -7.45 -15.40 -3.79
N ILE A 428 -6.41 -15.56 -3.01
CA ILE A 428 -5.05 -15.32 -3.49
C ILE A 428 -4.16 -16.57 -3.64
N ALA A 429 -4.60 -17.75 -3.13
CA ALA A 429 -3.87 -18.98 -3.26
C ALA A 429 -4.81 -20.12 -3.03
N VAL A 430 -4.55 -21.23 -3.77
CA VAL A 430 -5.38 -22.44 -3.61
C VAL A 430 -4.44 -23.61 -3.74
N SER A 431 -4.62 -24.66 -2.93
CA SER A 431 -3.90 -25.92 -3.08
C SER A 431 -4.87 -27.03 -2.77
N GLU A 432 -4.89 -28.05 -3.65
CA GLU A 432 -5.78 -29.25 -3.51
C GLU A 432 -4.94 -30.48 -3.42
N LYS A 433 -5.27 -31.37 -2.51
CA LYS A 433 -4.70 -32.70 -2.51
C LYS A 433 -5.79 -33.78 -2.53
N PRO A 434 -5.85 -34.61 -3.62
CA PRO A 434 -6.66 -35.86 -3.43
C PRO A 434 -6.16 -36.92 -2.51
N ILE A 435 -7.10 -37.53 -1.80
CA ILE A 435 -6.81 -38.52 -0.75
C ILE A 435 -7.34 -39.85 -1.27
#